data_5D55
#
_entry.id   5D55
#
_cell.length_a   112.294
_cell.length_b   112.294
_cell.length_c   61.652
_cell.angle_alpha   90.00
_cell.angle_beta   90.00
_cell.angle_gamma   90.00
#
_symmetry.space_group_name_H-M   'P 43 21 2'
#
loop_
_entity.id
_entity.type
_entity.pdbx_description
1 polymer 'HdaB,HdaA (Adhesin), HUS-associated diffuse adherence'
2 non-polymer 'CITRATE ANION'
3 non-polymer 'IODIDE ION'
4 water water
#
_entity_poly.entity_id   1
_entity_poly.type   'polypeptide(L)'
_entity_poly.pdbx_seq_one_letter_code
;MGSHHHHHHGSADITLMNHKYMGNLLHDGVKLATGRIICQDTHSGFRVWINARQEGGGAGKYIVQSTEGPQHNLRIRIGG
NGWSSFVEKGIQGVFNTIKEDASIFYIEVDGNQQVHPGKYLFSVSGECYIHMDNKQEFIPLCQAATITAQHTVEKLN
;
_entity_poly.pdbx_strand_id   A,B
#
# COMPACT_ATOMS: atom_id res chain seq x y z
N GLY A 10 6.47 -2.48 5.84
CA GLY A 10 5.48 -3.40 6.34
C GLY A 10 5.07 -4.41 5.29
N SER A 11 5.97 -4.73 4.39
CA SER A 11 5.66 -5.70 3.37
C SER A 11 5.68 -7.10 3.93
N ALA A 12 4.73 -7.91 3.52
CA ALA A 12 4.70 -9.28 3.89
C ALA A 12 5.69 -10.09 3.09
N ASP A 13 6.06 -11.24 3.64
CA ASP A 13 6.87 -12.23 2.95
C ASP A 13 6.07 -13.52 2.84
N ILE A 14 5.83 -13.96 1.61
CA ILE A 14 4.95 -15.08 1.35
C ILE A 14 5.61 -16.27 0.61
N THR A 15 5.53 -17.44 1.20
CA THR A 15 6.06 -18.67 0.61
C THR A 15 4.90 -19.61 0.29
N LEU A 16 5.11 -20.49 -0.67
CA LEU A 16 4.08 -21.44 -1.09
C LEU A 16 4.71 -22.77 -1.47
N MET A 17 4.37 -23.82 -0.72
CA MET A 17 4.94 -25.14 -0.95
CA MET A 17 4.93 -25.16 -0.92
C MET A 17 3.92 -26.05 -1.64
N ASN A 18 4.24 -26.49 -2.85
CA ASN A 18 3.40 -27.41 -3.61
C ASN A 18 3.44 -28.82 -3.01
N HIS A 19 2.35 -29.55 -3.11
CA HIS A 19 2.31 -30.94 -2.66
C HIS A 19 1.96 -31.87 -3.81
N LYS A 20 2.69 -32.95 -3.93
CA LYS A 20 2.51 -33.89 -4.99
C LYS A 20 1.50 -34.94 -4.62
N TYR A 21 0.64 -35.27 -5.56
CA TYR A 21 -0.30 -36.34 -5.40
C TYR A 21 -0.34 -37.25 -6.63
N MET A 22 -0.77 -38.47 -6.43
CA MET A 22 -0.90 -39.40 -7.53
C MET A 22 -2.25 -39.28 -8.21
N GLY A 23 -2.26 -39.34 -9.52
CA GLY A 23 -3.50 -39.39 -10.25
C GLY A 23 -4.28 -38.10 -10.38
N ASN A 24 -5.40 -38.19 -11.09
CA ASN A 24 -6.17 -37.04 -11.45
C ASN A 24 -7.58 -36.97 -10.91
N LEU A 25 -7.87 -37.74 -9.89
CA LEU A 25 -9.10 -37.58 -9.19
C LEU A 25 -8.89 -36.79 -7.92
N LEU A 26 -9.32 -35.55 -7.93
CA LEU A 26 -9.01 -34.65 -6.83
C LEU A 26 -10.27 -34.42 -5.99
N HIS A 27 -10.27 -34.95 -4.78
CA HIS A 27 -11.36 -34.80 -3.84
C HIS A 27 -11.35 -33.40 -3.23
N ASP A 28 -12.54 -32.85 -3.00
CA ASP A 28 -12.71 -31.58 -2.29
C ASP A 28 -11.91 -31.51 -0.98
N GLY A 29 -11.25 -30.39 -0.75
CA GLY A 29 -10.50 -30.16 0.48
C GLY A 29 -9.06 -30.65 0.47
N VAL A 30 -8.67 -31.40 -0.56
CA VAL A 30 -7.26 -31.86 -0.67
C VAL A 30 -6.32 -30.64 -0.76
N LYS A 31 -5.24 -30.64 0.04
CA LYS A 31 -4.35 -29.48 0.08
C LYS A 31 -3.31 -29.58 -1.02
N LEU A 32 -3.47 -28.76 -2.04
CA LEU A 32 -2.56 -28.76 -3.17
C LEU A 32 -1.28 -27.99 -2.89
N ALA A 33 -1.38 -26.99 -2.04
CA ALA A 33 -0.22 -26.19 -1.64
C ALA A 33 -0.39 -25.65 -0.24
N THR A 34 0.70 -25.52 0.47
CA THR A 34 0.73 -24.92 1.77
C THR A 34 1.43 -23.57 1.70
N GLY A 35 0.73 -22.57 2.17
CA GLY A 35 1.23 -21.23 2.15
C GLY A 35 1.53 -20.68 3.53
N ARG A 36 2.51 -19.81 3.59
CA ARG A 36 2.83 -19.07 4.79
C ARG A 36 3.05 -17.60 4.49
N ILE A 37 2.46 -16.74 5.31
CA ILE A 37 2.59 -15.30 5.14
C ILE A 37 3.14 -14.64 6.40
N ILE A 38 4.22 -13.89 6.25
CA ILE A 38 4.85 -13.21 7.38
C ILE A 38 4.72 -11.69 7.25
N CYS A 39 4.69 -11.01 8.38
CA CYS A 39 4.65 -9.62 8.63
CA CYS A 39 4.68 -9.62 8.54
C CYS A 39 5.40 -9.17 9.90
N GLN A 40 6.64 -8.73 9.76
CA GLN A 40 7.53 -8.56 10.90
C GLN A 40 7.19 -7.29 11.67
N ASP A 41 6.32 -6.47 11.11
CA ASP A 41 5.90 -5.22 11.75
C ASP A 41 4.51 -5.30 12.40
N THR A 42 4.22 -4.37 13.31
CA THR A 42 2.89 -4.25 13.94
C THR A 42 1.77 -4.34 12.88
N HIS A 43 0.81 -5.23 13.10
CA HIS A 43 -0.31 -5.39 12.17
C HIS A 43 -1.50 -6.02 12.90
N SER A 44 -2.71 -5.78 12.40
CA SER A 44 -3.94 -6.33 12.97
C SER A 44 -4.30 -7.70 12.39
N GLY A 45 -3.85 -7.96 11.18
CA GLY A 45 -4.10 -9.26 10.54
C GLY A 45 -3.48 -9.36 9.16
N PHE A 46 -3.79 -10.46 8.48
CA PHE A 46 -3.27 -10.73 7.13
C PHE A 46 -4.42 -10.83 6.15
N ARG A 47 -4.11 -10.61 4.88
CA ARG A 47 -5.06 -10.78 3.79
C ARG A 47 -4.36 -11.50 2.67
N VAL A 48 -5.00 -12.52 2.11
CA VAL A 48 -4.39 -13.35 1.07
C VAL A 48 -5.40 -13.56 -0.06
N TRP A 49 -4.94 -13.56 -1.30
CA TRP A 49 -5.79 -13.89 -2.44
C TRP A 49 -5.01 -14.63 -3.51
N ILE A 50 -5.76 -15.21 -4.45
CA ILE A 50 -5.18 -15.86 -5.62
C ILE A 50 -5.40 -14.97 -6.82
N ASN A 51 -4.36 -14.79 -7.63
CA ASN A 51 -4.48 -14.07 -8.89
C ASN A 51 -4.96 -15.05 -9.95
N ALA A 52 -6.29 -15.19 -10.01
CA ALA A 52 -6.95 -16.10 -10.91
C ALA A 52 -8.38 -15.63 -11.06
N ARG A 53 -9.07 -16.04 -12.10
CA ARG A 53 -10.43 -15.74 -12.41
CA ARG A 53 -10.42 -15.75 -12.41
C ARG A 53 -11.25 -16.33 -11.30
N GLN A 54 -12.45 -15.81 -11.13
CA GLN A 54 -13.38 -16.32 -10.13
C GLN A 54 -14.69 -16.86 -10.63
N GLU A 55 -15.16 -17.92 -9.99
CA GLU A 55 -16.43 -18.55 -10.36
C GLU A 55 -17.61 -17.77 -9.79
N GLY A 56 -17.35 -16.95 -8.78
CA GLY A 56 -18.39 -16.16 -8.15
C GLY A 56 -19.38 -17.03 -7.39
N GLY A 57 -19.02 -18.28 -7.17
CA GLY A 57 -19.87 -19.21 -6.46
C GLY A 57 -20.14 -18.58 -5.10
N GLY A 58 -19.11 -18.51 -4.27
CA GLY A 58 -19.24 -17.92 -2.95
C GLY A 58 -18.22 -16.85 -2.59
N ALA A 59 -17.01 -17.28 -2.28
CA ALA A 59 -15.94 -16.37 -1.89
C ALA A 59 -14.59 -17.07 -1.91
N GLY A 60 -13.54 -16.30 -2.21
CA GLY A 60 -12.20 -16.84 -2.26
C GLY A 60 -12.04 -18.06 -3.15
N LYS A 61 -13.09 -18.40 -3.88
CA LYS A 61 -13.06 -19.54 -4.78
C LYS A 61 -12.32 -19.03 -6.01
N TYR A 62 -11.76 -19.94 -6.79
CA TYR A 62 -11.02 -19.57 -8.00
C TYR A 62 -10.99 -20.68 -9.05
N ILE A 63 -10.75 -20.29 -10.29
CA ILE A 63 -10.55 -21.24 -11.38
C ILE A 63 -9.20 -20.95 -12.03
N VAL A 64 -8.32 -21.95 -12.02
CA VAL A 64 -6.98 -21.84 -12.62
C VAL A 64 -6.93 -22.64 -13.93
N GLN A 65 -6.35 -22.04 -14.98
CA GLN A 65 -6.17 -22.71 -16.26
C GLN A 65 -4.85 -23.48 -16.28
N SER A 66 -4.82 -24.61 -16.98
CA SER A 66 -3.56 -25.33 -17.18
C SER A 66 -2.63 -24.43 -17.99
N THR A 67 -1.33 -24.65 -17.86
CA THR A 67 -0.31 -23.85 -18.53
C THR A 67 -0.45 -23.88 -20.06
N GLU A 68 -1.08 -24.90 -20.56
CA GLU A 68 -1.40 -24.99 -21.97
C GLU A 68 -2.56 -24.12 -22.46
N GLY A 69 -3.29 -23.48 -21.56
CA GLY A 69 -4.44 -22.69 -21.92
C GLY A 69 -5.73 -23.08 -21.23
N PRO A 70 -6.74 -22.26 -21.46
CA PRO A 70 -8.02 -22.31 -20.76
C PRO A 70 -8.98 -23.41 -21.20
N GLN A 71 -8.51 -24.34 -21.99
CA GLN A 71 -9.33 -25.43 -22.31
C GLN A 71 -9.43 -26.41 -21.17
N HIS A 72 -8.59 -26.31 -20.15
CA HIS A 72 -8.67 -27.18 -18.97
C HIS A 72 -8.57 -26.43 -17.65
N ASN A 73 -9.57 -26.52 -16.78
CA ASN A 73 -9.66 -25.77 -15.52
C ASN A 73 -9.38 -26.62 -14.31
N LEU A 74 -8.93 -25.96 -13.25
CA LEU A 74 -8.84 -26.55 -11.93
C LEU A 74 -9.45 -25.58 -10.94
N ARG A 75 -10.46 -26.04 -10.20
CA ARG A 75 -11.16 -25.18 -9.23
C ARG A 75 -10.61 -25.36 -7.83
N ILE A 76 -10.24 -24.23 -7.24
CA ILE A 76 -9.50 -24.19 -5.98
C ILE A 76 -10.05 -23.10 -5.04
N ARG A 77 -9.66 -23.17 -3.77
CA ARG A 77 -10.06 -22.17 -2.79
C ARG A 77 -8.95 -22.01 -1.75
N ILE A 78 -8.93 -20.88 -1.08
CA ILE A 78 -8.04 -20.72 0.08
C ILE A 78 -8.76 -21.24 1.32
N GLY A 79 -8.08 -22.13 2.05
CA GLY A 79 -8.62 -22.68 3.30
C GLY A 79 -7.69 -22.47 4.48
N GLY A 80 -8.17 -22.89 5.64
CA GLY A 80 -7.41 -22.91 6.89
C GLY A 80 -8.22 -22.30 8.01
N ASN A 81 -8.02 -22.80 9.22
CA ASN A 81 -8.66 -22.21 10.40
CA ASN A 81 -8.59 -22.22 10.44
C ASN A 81 -8.29 -20.73 10.54
N GLY A 82 -9.26 -19.93 10.99
CA GLY A 82 -9.04 -18.52 11.25
C GLY A 82 -9.29 -17.57 10.09
N TRP A 83 -9.40 -18.10 8.87
CA TRP A 83 -9.56 -17.26 7.69
C TRP A 83 -11.04 -17.02 7.41
N SER A 84 -11.36 -15.77 7.10
CA SER A 84 -12.72 -15.33 6.80
CA SER A 84 -12.72 -15.39 6.77
C SER A 84 -12.77 -14.63 5.45
N SER A 85 -13.95 -14.60 4.84
CA SER A 85 -14.18 -13.75 3.66
CA SER A 85 -14.19 -13.76 3.66
C SER A 85 -15.45 -12.96 3.88
N PHE A 86 -15.48 -11.74 3.35
CA PHE A 86 -16.67 -10.91 3.39
C PHE A 86 -17.70 -11.51 2.46
N VAL A 87 -18.96 -11.42 2.86
CA VAL A 87 -20.04 -12.04 2.09
C VAL A 87 -20.39 -11.25 0.82
N GLU A 88 -20.10 -9.97 0.82
CA GLU A 88 -20.32 -9.15 -0.34
C GLU A 88 -19.08 -9.14 -1.23
N LYS A 89 -19.30 -9.14 -2.53
CA LYS A 89 -18.19 -9.14 -3.48
C LYS A 89 -17.18 -7.98 -3.43
N GLY A 90 -17.56 -6.86 -2.86
CA GLY A 90 -16.67 -5.71 -2.83
C GLY A 90 -15.27 -5.84 -2.24
N ILE A 91 -15.08 -6.71 -1.27
CA ILE A 91 -13.76 -6.95 -0.75
C ILE A 91 -13.36 -8.36 -1.09
N GLN A 92 -12.21 -8.52 -1.69
CA GLN A 92 -11.75 -9.81 -2.21
C GLN A 92 -10.70 -10.51 -1.34
N GLY A 93 -10.60 -11.82 -1.50
CA GLY A 93 -9.63 -12.66 -0.78
C GLY A 93 -10.08 -13.05 0.61
N VAL A 94 -9.16 -13.63 1.38
CA VAL A 94 -9.48 -14.07 2.73
C VAL A 94 -8.68 -13.26 3.76
N PHE A 95 -9.24 -13.08 4.95
CA PHE A 95 -8.64 -12.27 6.00
C PHE A 95 -8.54 -13.04 7.29
N ASN A 96 -7.57 -12.70 8.13
CA ASN A 96 -7.59 -13.14 9.51
C ASN A 96 -7.25 -11.97 10.45
N THR A 97 -7.37 -12.21 11.75
CA THR A 97 -7.08 -11.17 12.74
C THR A 97 -5.87 -11.57 13.58
N ILE A 98 -4.87 -12.15 12.93
CA ILE A 98 -3.69 -12.64 13.64
C ILE A 98 -2.62 -11.54 13.74
N LYS A 99 -2.26 -11.19 14.98
CA LYS A 99 -1.26 -10.17 15.27
C LYS A 99 0.17 -10.72 15.31
N GLU A 100 0.30 -12.04 15.38
CA GLU A 100 1.59 -12.72 15.36
C GLU A 100 2.30 -12.55 14.02
N ASP A 101 3.53 -12.97 13.94
CA ASP A 101 4.37 -12.73 12.80
C ASP A 101 3.90 -13.50 11.56
N ALA A 102 3.38 -14.69 11.76
CA ALA A 102 3.11 -15.60 10.67
C ALA A 102 1.72 -16.20 10.67
N SER A 103 1.22 -16.46 9.47
CA SER A 103 -0.10 -17.06 9.29
C SER A 103 -0.06 -18.07 8.15
N ILE A 104 -0.59 -19.27 8.40
CA ILE A 104 -0.55 -20.33 7.41
C ILE A 104 -1.89 -20.52 6.71
N PHE A 105 -1.84 -20.73 5.40
CA PHE A 105 -3.03 -20.98 4.60
C PHE A 105 -2.80 -22.15 3.63
N TYR A 106 -3.89 -22.64 3.04
CA TYR A 106 -3.81 -23.74 2.07
C TYR A 106 -4.52 -23.40 0.78
N ILE A 107 -3.98 -23.89 -0.34
CA ILE A 107 -4.72 -23.90 -1.60
C ILE A 107 -5.34 -25.28 -1.64
N GLU A 108 -6.66 -25.34 -1.65
CA GLU A 108 -7.35 -26.61 -1.55
C GLU A 108 -8.21 -26.85 -2.78
N VAL A 109 -8.41 -28.10 -3.12
CA VAL A 109 -9.36 -28.45 -4.18
C VAL A 109 -10.75 -27.98 -3.79
N ASP A 110 -11.39 -27.23 -4.68
CA ASP A 110 -12.72 -26.74 -4.42
C ASP A 110 -13.74 -27.61 -5.18
N GLY A 111 -14.25 -28.65 -4.51
CA GLY A 111 -15.23 -29.59 -5.11
C GLY A 111 -14.53 -30.79 -5.74
N ASN A 112 -15.13 -31.99 -5.65
CA ASN A 112 -14.58 -33.18 -6.30
C ASN A 112 -14.45 -32.96 -7.80
N GLN A 113 -13.29 -33.29 -8.34
CA GLN A 113 -12.93 -33.00 -9.74
C GLN A 113 -12.09 -34.11 -10.37
N GLN A 114 -12.48 -34.50 -11.58
CA GLN A 114 -11.59 -35.28 -12.45
C GLN A 114 -10.87 -34.25 -13.32
N VAL A 115 -9.60 -34.01 -13.02
CA VAL A 115 -8.83 -32.92 -13.63
C VAL A 115 -7.97 -33.40 -14.79
N HIS A 116 -7.95 -32.64 -15.89
CA HIS A 116 -7.11 -32.96 -17.03
C HIS A 116 -5.65 -32.90 -16.61
N PRO A 117 -4.90 -33.97 -16.88
CA PRO A 117 -3.48 -33.98 -16.52
C PRO A 117 -2.77 -32.79 -17.15
N GLY A 118 -1.88 -32.17 -16.40
CA GLY A 118 -1.17 -31.01 -16.87
C GLY A 118 -0.62 -30.26 -15.68
N LYS A 119 -0.11 -29.07 -15.94
CA LYS A 119 0.50 -28.23 -14.91
C LYS A 119 -0.37 -27.02 -14.70
N TYR A 120 -0.57 -26.71 -13.44
CA TYR A 120 -1.41 -25.62 -13.02
C TYR A 120 -0.64 -24.68 -12.11
N LEU A 121 -0.52 -23.45 -12.53
CA LEU A 121 0.21 -22.41 -11.84
C LEU A 121 -0.64 -21.60 -10.84
N PHE A 122 -0.33 -21.71 -9.57
CA PHE A 122 -0.95 -20.96 -8.51
C PHE A 122 -0.18 -19.67 -8.24
N SER A 123 -0.80 -18.53 -8.49
CA SER A 123 -0.22 -17.22 -8.15
C SER A 123 -0.99 -16.66 -6.97
N VAL A 124 -0.28 -16.46 -5.86
CA VAL A 124 -0.87 -16.01 -4.60
C VAL A 124 -0.22 -14.68 -4.19
N SER A 125 -1.03 -13.74 -3.72
CA SER A 125 -0.55 -12.45 -3.25
C SER A 125 -1.08 -12.25 -1.85
N GLY A 126 -0.42 -11.39 -1.08
CA GLY A 126 -0.85 -11.06 0.27
C GLY A 126 -0.25 -9.83 0.91
N GLU A 127 -0.89 -9.34 1.96
CA GLU A 127 -0.52 -8.13 2.68
C GLU A 127 -0.93 -8.25 4.16
N CYS A 128 -0.27 -7.46 5.00
CA CYS A 128 -0.62 -7.34 6.39
CA CYS A 128 -0.62 -7.34 6.39
C CYS A 128 -1.37 -6.01 6.39
N TYR A 129 -2.40 -5.95 7.23
CA TYR A 129 -3.27 -4.81 7.34
C TYR A 129 -3.31 -4.26 8.76
N ILE A 130 -3.72 -3.02 8.84
CA ILE A 130 -3.93 -2.35 10.09
C ILE A 130 -5.38 -1.96 10.20
N HIS A 131 -5.98 -2.39 11.27
CA HIS A 131 -7.38 -2.21 11.43
C HIS A 131 -7.58 -0.80 11.83
N MET A 132 -8.58 -0.17 11.26
CA MET A 132 -8.81 1.23 11.45
C MET A 132 -10.11 1.53 12.21
N GLN A 136 -14.97 0.22 4.24
CA GLN A 136 -13.86 -0.69 4.55
C GLN A 136 -13.11 -0.21 5.74
N ILE A 139 -6.70 -0.91 6.31
CA ILE A 139 -5.85 -0.49 5.23
C ILE A 139 -4.64 -1.37 5.19
N PRO A 140 -4.11 -1.59 4.01
CA PRO A 140 -2.87 -2.33 3.82
C PRO A 140 -1.70 -1.58 4.46
N LEU A 141 -0.72 -2.32 4.93
CA LEU A 141 0.48 -1.71 5.46
C LEU A 141 1.49 -1.51 4.34
N CYS A 142 1.74 -0.24 4.02
CA CYS A 142 2.66 0.21 2.98
C CYS A 142 3.53 1.31 3.61
N GLN A 143 4.83 1.05 3.76
CA GLN A 143 5.77 2.11 4.17
C GLN A 143 5.77 3.20 3.09
N ALA A 144 5.36 4.41 3.47
CA ALA A 144 5.27 5.51 2.52
C ALA A 144 6.67 5.97 2.16
N ALA A 145 6.88 6.31 0.88
CA ALA A 145 8.16 6.85 0.42
C ALA A 145 8.45 8.17 1.15
N THR A 146 9.74 8.35 1.59
CA THR A 146 10.13 9.54 2.35
C THR A 146 11.43 10.16 1.85
N ILE A 147 11.51 11.48 1.92
CA ILE A 147 12.69 12.20 1.41
C ILE A 147 12.81 13.52 2.18
N THR A 148 14.04 13.97 2.37
CA THR A 148 14.31 15.26 3.00
C THR A 148 15.11 16.19 2.09
N ALA A 149 15.02 17.48 2.37
CA ALA A 149 15.89 18.49 1.76
C ALA A 149 16.15 19.57 2.79
N GLN A 150 17.37 20.09 2.78
CA GLN A 150 17.76 21.17 3.69
C GLN A 150 17.64 22.50 2.98
N HIS A 151 17.06 23.50 3.67
CA HIS A 151 16.92 24.85 3.14
C HIS A 151 17.63 25.83 4.09
N THR A 152 18.40 26.75 3.53
CA THR A 152 19.09 27.78 4.29
C THR A 152 18.30 29.07 4.17
N VAL A 153 17.99 29.63 5.30
CA VAL A 153 17.48 30.97 5.39
C VAL A 153 18.65 31.89 5.65
N GLU A 154 18.76 32.92 4.87
CA GLU A 154 19.81 33.87 5.04
C GLU A 154 19.40 35.24 4.57
N LYS A 155 20.03 36.26 5.11
CA LYS A 155 19.82 37.63 4.68
C LYS A 155 21.04 38.09 3.89
N LEU A 156 20.85 39.08 3.06
CA LEU A 156 21.94 39.69 2.36
C LEU A 156 22.98 40.27 3.32
N ASN A 157 22.52 41.07 4.25
CA ASN A 157 23.41 41.71 5.23
C ASN A 157 22.95 41.55 6.67
N SER B 11 2.97 1.97 -5.45
CA SER B 11 4.19 2.36 -4.68
C SER B 11 4.87 3.59 -5.29
N ALA B 12 4.98 4.65 -4.47
CA ALA B 12 5.35 5.96 -4.96
C ALA B 12 6.85 6.22 -4.85
N ASP B 13 7.37 7.03 -5.77
CA ASP B 13 8.71 7.59 -5.63
C ASP B 13 8.55 9.08 -5.38
N ILE B 14 9.25 9.59 -4.37
CA ILE B 14 9.12 10.98 -3.99
C ILE B 14 10.49 11.67 -4.08
N THR B 15 10.51 12.90 -4.58
CA THR B 15 11.74 13.69 -4.64
C THR B 15 11.46 15.06 -4.04
N LEU B 16 12.48 15.68 -3.47
CA LEU B 16 12.34 17.03 -2.92
C LEU B 16 13.62 17.82 -3.19
N MET B 17 13.47 18.98 -3.81
CA MET B 17 14.61 19.74 -4.30
C MET B 17 14.57 21.10 -3.65
N ASN B 18 15.62 21.47 -2.91
CA ASN B 18 15.68 22.79 -2.28
C ASN B 18 15.53 23.93 -3.28
N HIS B 19 14.88 25.02 -2.84
CA HIS B 19 14.85 26.24 -3.62
C HIS B 19 15.64 27.32 -2.86
N LYS B 20 16.76 27.76 -3.42
CA LYS B 20 17.56 28.82 -2.81
C LYS B 20 16.80 30.14 -2.79
N TYR B 21 17.01 30.94 -1.75
CA TYR B 21 16.29 32.20 -1.57
C TYR B 21 17.11 33.15 -0.69
N MET B 22 17.29 34.38 -1.17
CA MET B 22 17.98 35.41 -0.42
C MET B 22 16.96 36.34 0.24
N GLY B 23 17.04 36.45 1.55
CA GLY B 23 16.16 37.34 2.30
C GLY B 23 15.35 36.51 3.28
N ASN B 24 14.84 37.18 4.30
CA ASN B 24 14.14 36.48 5.38
C ASN B 24 12.80 37.10 5.78
N LEU B 25 12.32 38.04 4.98
CA LEU B 25 10.98 38.60 5.18
C LEU B 25 10.08 37.85 4.22
N LEU B 26 9.59 36.70 4.68
CA LEU B 26 8.96 35.74 3.80
C LEU B 26 7.44 35.84 3.84
N HIS B 27 6.88 36.20 2.68
CA HIS B 27 5.44 36.23 2.48
C HIS B 27 4.89 34.80 2.50
N ASP B 28 3.66 34.66 2.99
CA ASP B 28 2.94 33.40 2.90
C ASP B 28 2.96 32.91 1.45
N GLY B 29 3.13 31.61 1.27
CA GLY B 29 3.13 31.03 -0.06
C GLY B 29 4.50 30.92 -0.73
N VAL B 30 5.51 31.60 -0.18
CA VAL B 30 6.85 31.59 -0.78
C VAL B 30 7.40 30.15 -0.83
N LYS B 31 7.84 29.73 -2.02
CA LYS B 31 8.29 28.35 -2.23
C LYS B 31 9.71 28.14 -1.73
N LEU B 32 9.88 27.20 -0.82
CA LEU B 32 11.18 26.90 -0.20
C LEU B 32 11.81 25.61 -0.75
N ALA B 33 10.96 24.75 -1.33
CA ALA B 33 11.40 23.51 -1.99
C ALA B 33 10.36 23.02 -3.00
N THR B 34 10.81 22.29 -4.01
CA THR B 34 9.94 21.76 -5.06
C THR B 34 9.95 20.24 -4.99
N GLY B 35 8.77 19.65 -4.87
CA GLY B 35 8.64 18.23 -4.73
C GLY B 35 7.96 17.59 -5.93
N ARG B 36 8.13 16.28 -6.05
CA ARG B 36 7.42 15.50 -7.06
C ARG B 36 7.15 14.12 -6.51
N ILE B 37 5.95 13.63 -6.77
CA ILE B 37 5.59 12.26 -6.45
C ILE B 37 5.18 11.53 -7.73
N ILE B 38 5.69 10.30 -7.91
CA ILE B 38 5.41 9.49 -9.10
C ILE B 38 4.89 8.12 -8.71
N CYS B 39 3.82 7.70 -9.38
CA CYS B 39 3.29 6.35 -9.25
CA CYS B 39 3.24 6.37 -9.22
C CYS B 39 2.95 5.82 -10.63
N GLN B 40 3.52 4.67 -10.97
CA GLN B 40 3.31 4.03 -12.27
C GLN B 40 1.96 3.31 -12.36
N ASP B 41 1.55 2.70 -11.24
CA ASP B 41 0.34 1.90 -11.20
C ASP B 41 -0.93 2.77 -11.18
N THR B 42 -2.05 2.15 -11.50
CA THR B 42 -3.37 2.79 -11.49
C THR B 42 -3.72 3.30 -10.09
N HIS B 43 -4.18 4.54 -10.03
CA HIS B 43 -4.50 5.17 -8.76
C HIS B 43 -5.56 6.25 -9.00
N SER B 44 -6.24 6.67 -7.95
CA SER B 44 -7.21 7.77 -8.02
C SER B 44 -6.53 9.12 -7.79
N GLY B 45 -5.39 9.12 -7.12
CA GLY B 45 -4.67 10.36 -6.85
C GLY B 45 -3.51 10.17 -5.89
N PHE B 46 -2.97 11.28 -5.42
CA PHE B 46 -1.77 11.27 -4.59
C PHE B 46 -2.11 11.86 -3.24
N ARG B 47 -1.32 11.47 -2.23
CA ARG B 47 -1.37 12.04 -0.88
C ARG B 47 0.07 12.32 -0.43
N VAL B 48 0.32 13.53 0.07
CA VAL B 48 1.65 13.94 0.55
C VAL B 48 1.49 14.64 1.91
N TRP B 49 2.48 14.48 2.79
CA TRP B 49 2.48 15.16 4.08
C TRP B 49 3.88 15.49 4.56
N ILE B 50 3.95 16.49 5.44
CA ILE B 50 5.19 16.88 6.10
C ILE B 50 5.39 16.08 7.39
N ASN B 51 6.61 15.56 7.58
CA ASN B 51 6.96 14.92 8.82
C ASN B 51 7.56 15.94 9.77
N ALA B 52 6.70 16.58 10.56
CA ALA B 52 7.11 17.59 11.52
C ALA B 52 6.05 17.70 12.59
N ARG B 53 6.44 18.26 13.74
CA ARG B 53 5.50 18.52 14.81
C ARG B 53 4.54 19.60 14.35
N GLN B 54 3.31 19.57 14.86
CA GLN B 54 2.33 20.60 14.57
C GLN B 54 2.22 21.48 15.81
N GLU B 55 1.97 22.76 15.60
CA GLU B 55 1.85 23.71 16.71
C GLU B 55 0.74 23.22 17.65
N GLY B 56 0.65 23.85 18.82
CA GLY B 56 -0.37 23.49 19.78
C GLY B 56 -1.73 23.02 19.28
N GLY B 57 -2.11 21.82 19.66
CA GLY B 57 -3.37 21.26 19.19
C GLY B 57 -4.61 22.08 19.49
N GLY B 58 -5.27 22.54 18.44
CA GLY B 58 -4.85 22.25 17.09
C GLY B 58 -5.20 20.84 16.66
N ALA B 59 -4.17 20.10 16.23
CA ALA B 59 -2.82 20.61 16.17
C ALA B 59 -2.75 21.89 15.34
N GLY B 60 -1.58 22.53 15.34
CA GLY B 60 -1.39 23.76 14.58
C GLY B 60 -0.56 23.55 13.35
N LYS B 61 0.01 24.63 12.82
CA LYS B 61 0.85 24.56 11.63
C LYS B 61 2.15 23.80 11.81
N TYR B 62 2.62 23.16 10.74
CA TYR B 62 3.86 22.40 10.78
C TYR B 62 4.99 23.34 11.15
N ILE B 63 5.76 22.92 12.14
CA ILE B 63 6.84 23.74 12.63
C ILE B 63 8.15 23.00 12.51
N VAL B 64 9.11 23.68 11.90
CA VAL B 64 10.44 23.15 11.71
C VAL B 64 11.41 24.04 12.48
N GLN B 65 12.26 23.42 13.29
CA GLN B 65 13.25 24.15 14.05
C GLN B 65 14.60 23.97 13.36
N SER B 66 15.34 25.07 13.22
CA SER B 66 16.67 25.02 12.63
C SER B 66 17.63 24.26 13.53
N THR B 67 18.68 23.70 12.92
CA THR B 67 19.70 22.95 13.66
C THR B 67 21.08 23.37 13.18
N GLU B 68 22.10 22.84 13.86
CA GLU B 68 23.52 23.11 13.56
C GLU B 68 23.82 24.60 13.42
N GLY B 69 23.40 25.36 14.43
CA GLY B 69 23.55 26.82 14.45
C GLY B 69 22.39 27.40 15.24
N PRO B 70 22.01 28.66 14.94
CA PRO B 70 20.85 29.26 15.60
C PRO B 70 19.64 28.33 15.56
N GLN B 71 18.86 28.32 16.62
CA GLN B 71 17.74 27.42 16.75
C GLN B 71 16.44 28.24 16.85
N HIS B 72 15.80 28.43 15.70
CA HIS B 72 14.56 29.18 15.58
C HIS B 72 13.53 28.40 14.77
N ASN B 73 12.31 28.90 14.75
CA ASN B 73 11.19 28.17 14.15
C ASN B 73 10.73 28.74 12.80
N LEU B 74 10.31 27.83 11.92
CA LEU B 74 9.74 28.19 10.64
C LEU B 74 8.46 27.39 10.44
N ARG B 75 7.38 28.05 10.05
CA ARG B 75 6.11 27.38 9.84
C ARG B 75 5.93 27.13 8.36
N ILE B 76 5.70 25.87 8.00
CA ILE B 76 5.58 25.48 6.58
C ILE B 76 4.32 24.69 6.29
N ARG B 77 3.91 24.67 5.01
CA ARG B 77 2.78 23.85 4.55
C ARG B 77 3.14 23.28 3.18
N ILE B 78 2.42 22.25 2.73
CA ILE B 78 2.52 21.82 1.33
C ILE B 78 1.70 22.77 0.47
N GLY B 79 2.25 23.19 -0.66
CA GLY B 79 1.51 24.00 -1.63
C GLY B 79 1.49 23.40 -3.02
N GLY B 80 0.82 24.09 -3.93
CA GLY B 80 0.79 23.72 -5.33
C GLY B 80 -0.64 23.61 -5.83
N ASN B 81 -0.84 23.96 -7.09
CA ASN B 81 -2.10 23.75 -7.79
C ASN B 81 -2.58 22.31 -7.67
N GLY B 82 -3.87 22.16 -7.50
CA GLY B 82 -4.47 20.85 -7.43
C GLY B 82 -4.51 20.17 -6.08
N TRP B 83 -3.79 20.68 -5.12
CA TRP B 83 -3.71 20.06 -3.83
C TRP B 83 -4.74 20.61 -2.85
N SER B 84 -5.41 19.73 -2.12
CA SER B 84 -6.53 20.02 -1.32
CA SER B 84 -6.53 20.02 -1.32
C SER B 84 -6.18 19.36 0.12
N SER B 85 -6.63 19.96 1.18
CA SER B 85 -6.56 19.35 2.48
C SER B 85 -7.96 19.18 3.08
N PHE B 86 -8.21 18.08 3.78
CA PHE B 86 -9.50 17.83 4.41
C PHE B 86 -9.59 18.62 5.70
N VAL B 87 -10.65 19.40 5.83
CA VAL B 87 -10.74 20.30 6.95
C VAL B 87 -11.09 19.67 8.30
N GLU B 88 -11.85 18.61 8.31
CA GLU B 88 -12.18 17.93 9.55
C GLU B 88 -10.95 17.15 9.97
N LYS B 89 -10.45 17.46 11.17
CA LYS B 89 -9.27 16.80 11.74
C LYS B 89 -9.41 15.28 11.72
N GLY B 90 -8.29 14.59 11.51
CA GLY B 90 -8.29 13.14 11.45
C GLY B 90 -7.60 12.57 10.23
N ILE B 91 -7.54 13.34 9.15
CA ILE B 91 -7.01 12.91 7.87
C ILE B 91 -5.85 13.80 7.42
N GLN B 92 -4.65 13.37 7.73
CA GLN B 92 -3.46 14.16 7.58
C GLN B 92 -2.96 14.27 6.13
N GLY B 93 -2.22 15.34 5.87
CA GLY B 93 -1.69 15.62 4.57
C GLY B 93 -2.55 16.34 3.56
N VAL B 94 -2.04 16.45 2.35
CA VAL B 94 -2.80 17.05 1.24
C VAL B 94 -3.05 15.96 0.21
N PHE B 95 -4.11 16.15 -0.58
CA PHE B 95 -4.56 15.17 -1.56
C PHE B 95 -4.74 15.84 -2.90
N ASN B 96 -4.56 15.10 -3.97
CA ASN B 96 -5.05 15.50 -5.26
C ASN B 96 -5.76 14.36 -5.94
N THR B 97 -6.38 14.62 -7.07
CA THR B 97 -7.06 13.59 -7.81
C THR B 97 -6.49 13.41 -9.18
N ILE B 98 -5.18 13.41 -9.29
CA ILE B 98 -4.47 13.19 -10.53
C ILE B 98 -4.28 11.70 -10.78
N LYS B 99 -4.76 11.25 -11.92
CA LYS B 99 -4.64 9.87 -12.34
C LYS B 99 -3.41 9.71 -13.19
N GLU B 100 -2.84 10.85 -13.56
CA GLU B 100 -1.58 10.81 -14.29
C GLU B 100 -0.49 10.33 -13.36
N ASP B 101 0.65 9.96 -13.92
CA ASP B 101 1.65 9.27 -13.14
C ASP B 101 2.47 10.18 -12.24
N ALA B 102 2.53 11.47 -12.56
CA ALA B 102 3.36 12.39 -11.79
C ALA B 102 2.66 13.68 -11.34
N SER B 103 3.01 14.13 -10.13
CA SER B 103 2.47 15.36 -9.56
CA SER B 103 2.49 15.38 -9.60
C SER B 103 3.55 16.18 -8.85
N ILE B 104 3.54 17.49 -9.09
CA ILE B 104 4.44 18.43 -8.43
C ILE B 104 3.74 19.02 -7.19
N PHE B 105 4.50 19.20 -6.12
CA PHE B 105 4.06 19.93 -4.94
C PHE B 105 5.20 20.83 -4.46
N TYR B 106 4.91 21.72 -3.50
CA TYR B 106 5.94 22.59 -2.92
C TYR B 106 5.91 22.60 -1.39
N ILE B 107 7.04 22.91 -0.79
CA ILE B 107 7.06 23.31 0.61
C ILE B 107 6.99 24.83 0.54
N GLU B 108 6.00 25.40 1.20
CA GLU B 108 5.79 26.85 1.17
C GLU B 108 5.77 27.42 2.57
N VAL B 109 6.13 28.70 2.67
CA VAL B 109 6.04 29.43 3.92
C VAL B 109 4.56 29.54 4.29
N ASP B 110 4.23 29.14 5.52
CA ASP B 110 2.84 29.15 5.98
C ASP B 110 2.60 30.37 6.86
N GLY B 111 2.08 31.43 6.26
CA GLY B 111 1.86 32.72 6.95
C GLY B 111 3.08 33.64 6.87
N ASN B 112 2.84 34.93 6.69
CA ASN B 112 3.93 35.92 6.66
C ASN B 112 4.88 35.75 7.86
N GLN B 113 6.18 35.65 7.60
CA GLN B 113 7.16 35.37 8.68
C GLN B 113 8.49 36.05 8.45
N GLN B 114 8.99 36.68 9.51
CA GLN B 114 10.37 37.12 9.57
C GLN B 114 11.11 35.95 10.19
N VAL B 115 11.84 35.22 9.36
CA VAL B 115 12.43 33.94 9.73
C VAL B 115 13.89 34.17 10.02
N HIS B 116 14.32 33.70 11.17
CA HIS B 116 15.71 33.84 11.57
C HIS B 116 16.61 33.00 10.66
N PRO B 117 17.74 33.59 10.21
CA PRO B 117 18.75 32.86 9.46
C PRO B 117 19.12 31.53 10.13
N GLY B 118 19.28 30.49 9.31
CA GLY B 118 19.66 29.19 9.83
C GLY B 118 19.40 28.10 8.81
N LYS B 119 19.67 26.86 9.21
CA LYS B 119 19.49 25.68 8.37
C LYS B 119 18.27 24.90 8.82
N TYR B 120 17.33 24.69 7.90
CA TYR B 120 16.05 24.08 8.21
C TYR B 120 15.87 22.83 7.35
N LEU B 121 15.58 21.71 8.00
CA LEU B 121 15.41 20.42 7.31
C LEU B 121 13.93 20.07 7.08
N PHE B 122 13.56 19.91 5.81
CA PHE B 122 12.20 19.50 5.46
C PHE B 122 12.17 18.00 5.19
N SER B 123 11.24 17.29 5.83
CA SER B 123 11.00 15.87 5.57
C SER B 123 9.57 15.70 5.13
N VAL B 124 9.37 15.02 4.00
CA VAL B 124 8.02 14.78 3.48
C VAL B 124 7.87 13.30 3.12
N SER B 125 6.63 12.82 3.19
CA SER B 125 6.32 11.45 2.80
C SER B 125 5.13 11.50 1.85
N GLY B 126 4.94 10.44 1.09
CA GLY B 126 3.84 10.43 0.14
C GLY B 126 3.53 9.06 -0.40
N GLU B 127 2.33 8.94 -0.95
CA GLU B 127 1.82 7.67 -1.49
C GLU B 127 0.75 8.00 -2.53
N CYS B 128 0.47 7.04 -3.41
CA CYS B 128 -0.76 7.13 -4.20
CA CYS B 128 -0.73 7.10 -4.25
C CYS B 128 -1.83 6.33 -3.50
N TYR B 129 -3.08 6.64 -3.81
CA TYR B 129 -4.19 5.96 -3.16
C TYR B 129 -5.23 5.59 -4.20
N ILE B 130 -6.10 4.65 -3.85
CA ILE B 130 -7.16 4.21 -4.76
C ILE B 130 -8.53 4.41 -4.14
N HIS B 131 -9.27 5.41 -4.54
CA HIS B 131 -10.57 5.66 -3.94
C HIS B 131 -11.49 4.45 -3.81
N MET B 132 -11.99 4.24 -2.62
CA MET B 132 -12.86 3.11 -2.36
C MET B 132 -14.31 3.49 -2.05
N ASP B 133 -15.22 2.81 -2.73
CA ASP B 133 -16.62 2.79 -2.34
C ASP B 133 -16.80 1.73 -1.24
N ASN B 134 -17.60 2.08 -0.27
CA ASN B 134 -17.55 1.61 1.12
C ASN B 134 -16.44 2.29 1.90
N LYS B 135 -16.30 3.60 1.73
CA LYS B 135 -15.26 4.36 2.42
C LYS B 135 -15.33 4.12 3.93
N GLN B 136 -14.20 3.72 4.50
CA GLN B 136 -12.98 3.51 3.74
C GLN B 136 -12.23 4.69 3.13
N GLU B 137 -12.93 5.46 2.30
CA GLU B 137 -12.32 6.62 1.66
C GLU B 137 -11.16 6.23 0.75
N PHE B 138 -9.98 6.76 1.07
CA PHE B 138 -8.78 6.47 0.28
C PHE B 138 -7.74 5.59 0.97
N ILE B 139 -7.59 4.35 0.48
CA ILE B 139 -6.63 3.43 1.05
C ILE B 139 -5.30 3.46 0.30
N PRO B 140 -4.18 3.34 0.94
CA PRO B 140 -2.93 3.46 0.24
C PRO B 140 -2.63 2.29 -0.67
N LEU B 141 -1.65 2.48 -1.49
CA LEU B 141 -1.47 1.71 -2.72
C LEU B 141 -0.04 1.20 -2.84
N CYS B 142 0.19 -0.05 -2.43
CA CYS B 142 1.52 -0.65 -2.51
C CYS B 142 1.41 -2.04 -3.09
N GLN B 143 2.49 -2.46 -3.73
CA GLN B 143 2.59 -3.77 -4.36
C GLN B 143 2.50 -4.84 -3.27
N ALA B 144 1.53 -5.73 -3.40
CA ALA B 144 1.44 -6.86 -2.49
C ALA B 144 2.57 -7.86 -2.78
N ALA B 145 3.07 -8.49 -1.72
CA ALA B 145 3.97 -9.63 -1.86
C ALA B 145 3.26 -10.70 -2.69
N THR B 146 4.00 -11.31 -3.61
CA THR B 146 3.45 -12.32 -4.50
C THR B 146 4.40 -13.51 -4.64
N ILE B 147 3.83 -14.69 -4.78
CA ILE B 147 4.62 -15.89 -5.04
C ILE B 147 3.81 -16.83 -5.94
N THR B 148 4.51 -17.69 -6.67
CA THR B 148 3.87 -18.73 -7.47
C THR B 148 4.42 -20.11 -7.13
N ALA B 149 3.57 -21.12 -7.25
CA ALA B 149 3.99 -22.51 -7.20
C ALA B 149 3.26 -23.26 -8.31
N GLN B 150 3.93 -24.24 -8.90
CA GLN B 150 3.32 -25.00 -9.96
C GLN B 150 2.88 -26.37 -9.42
N HIS B 151 1.63 -26.73 -9.70
CA HIS B 151 1.14 -28.05 -9.34
C HIS B 151 0.89 -28.90 -10.59
N THR B 152 1.44 -30.11 -10.58
CA THR B 152 1.24 -31.04 -11.66
C THR B 152 0.10 -32.02 -11.31
N VAL B 153 -0.84 -32.15 -12.23
CA VAL B 153 -1.83 -33.22 -12.14
C VAL B 153 -1.33 -34.32 -13.05
N GLU B 154 -1.08 -35.49 -12.45
CA GLU B 154 -0.45 -36.61 -13.14
C GLU B 154 -1.45 -37.29 -14.07
N LYS B 155 -0.91 -37.82 -15.17
CA LYS B 155 -1.68 -38.70 -16.06
C LYS B 155 -2.26 -39.89 -15.31
N LEU B 156 -3.30 -40.45 -15.88
CA LEU B 156 -3.94 -41.61 -15.32
C LEU B 156 -3.07 -42.84 -15.43
N ASN B 157 -2.59 -43.08 -16.64
CA ASN B 157 -1.88 -44.30 -17.01
C ASN B 157 -2.71 -45.59 -16.89
#